data_5JEZ
#
_entry.id   5JEZ
#
_cell.length_a   41.150
_cell.length_b   65.550
_cell.length_c   88.840
_cell.angle_alpha   90.00
_cell.angle_beta   90.00
_cell.angle_gamma   90.00
#
_symmetry.space_group_name_H-M   'P 21 21 21'
#
loop_
_entity.id
_entity.type
_entity.pdbx_description
1 polymer 'Peptide deformylase'
2 polymer Met-Ala-Ser
3 non-polymer 'ACETATE ION'
4 non-polymer 'ZINC ION'
5 water water
#
loop_
_entity_poly.entity_id
_entity_poly.type
_entity_poly.pdbx_seq_one_letter_code
_entity_poly.pdbx_strand_id
1 'polypeptide(L)'
;MAAIDKLVKASHLIDMNDIIREGNPTLRKVAEEVTFPLSEKEEILGEKMMQFLKHSQDPIMAEKLGLRGGVGLAAPQLDI
SKRIIAVLVPNVEDAQGNPPKEAYSLQEVMYNPKVVSHSVQDAALSDGEG(OCS)LSVDREVPGYVVRHARVTIEYFDKT
GEKHRLKLKGYNSIVVQHEIDHIDGIMFYDRINEKNPFAVKEGLLILE
;
A
2 'polypeptide(L)' MAS D
#
# COMPACT_ATOMS: atom_id res chain seq x y z
N ALA A 2 16.91 -14.64 -9.08
CA ALA A 2 15.82 -13.74 -9.44
C ALA A 2 15.58 -12.92 -8.18
N ALA A 3 14.80 -11.90 -8.31
CA ALA A 3 14.55 -11.04 -7.22
C ALA A 3 13.94 -11.80 -6.02
N ILE A 4 13.00 -12.70 -6.35
CA ILE A 4 12.22 -13.32 -5.37
C ILE A 4 13.10 -14.18 -4.41
N ASP A 5 14.07 -14.81 -4.99
CA ASP A 5 15.05 -15.62 -4.27
C ASP A 5 15.84 -14.78 -3.19
N LYS A 6 16.27 -13.59 -3.58
CA LYS A 6 16.98 -12.68 -2.79
C LYS A 6 16.08 -12.30 -1.59
N LEU A 7 14.84 -11.96 -1.89
CA LEU A 7 13.90 -11.47 -0.87
C LEU A 7 13.42 -12.46 0.16
N VAL A 8 13.33 -13.75 -0.22
CA VAL A 8 12.76 -14.69 0.75
C VAL A 8 13.77 -15.46 1.57
N LYS A 9 15.10 -15.24 1.32
CA LYS A 9 16.16 -15.75 2.19
C LYS A 9 15.86 -15.48 3.64
N ALA A 10 15.95 -16.49 4.51
CA ALA A 10 15.53 -16.32 5.92
C ALA A 10 16.11 -15.08 6.66
N SER A 11 17.39 -14.84 6.44
CA SER A 11 18.03 -13.73 7.16
C SER A 11 17.76 -12.35 6.45
N HIS A 12 17.18 -12.36 5.25
CA HIS A 12 17.13 -11.12 4.51
C HIS A 12 16.02 -10.23 5.09
N LEU A 13 16.33 -8.97 5.35
CA LEU A 13 15.32 -8.00 5.69
C LEU A 13 15.11 -7.04 4.54
N ILE A 14 13.87 -6.84 4.13
CA ILE A 14 13.58 -5.88 3.06
C ILE A 14 14.04 -4.45 3.52
N ASP A 15 14.74 -3.77 2.65
CA ASP A 15 15.10 -2.37 2.89
C ASP A 15 14.92 -1.51 1.62
N MET A 16 15.36 -0.27 1.64
CA MET A 16 15.04 0.60 0.52
C MET A 16 15.82 0.21 -0.73
N ASN A 17 16.89 -0.55 -0.57
CA ASN A 17 17.64 -1.03 -1.74
C ASN A 17 16.91 -2.15 -2.49
N ASP A 18 15.87 -2.67 -1.88
CA ASP A 18 15.06 -3.65 -2.54
C ASP A 18 13.90 -3.03 -3.30
N ILE A 19 13.60 -1.75 -3.08
CA ILE A 19 12.47 -1.09 -3.67
C ILE A 19 12.89 -0.44 -4.99
N ILE A 20 12.25 -0.82 -6.07
CA ILE A 20 12.58 -0.30 -7.41
C ILE A 20 11.94 1.08 -7.54
N ARG A 21 12.43 1.85 -8.49
CA ARG A 21 12.02 3.25 -8.56
C ARG A 21 11.47 3.56 -9.91
N GLU A 22 10.80 4.68 -9.91
CA GLU A 22 10.16 5.23 -11.04
C GLU A 22 11.01 5.16 -12.25
N GLY A 23 10.46 4.61 -13.32
CA GLY A 23 11.21 4.38 -14.49
C GLY A 23 11.41 2.89 -14.77
N ASN A 24 11.42 2.06 -13.75
CA ASN A 24 11.54 0.65 -13.96
C ASN A 24 10.18 0.14 -14.51
N PRO A 25 10.21 -0.55 -15.64
CA PRO A 25 8.95 -1.01 -16.28
C PRO A 25 8.06 -1.85 -15.44
N THR A 26 8.59 -2.55 -14.46
CA THR A 26 7.70 -3.40 -13.60
C THR A 26 6.57 -2.62 -12.96
N LEU A 27 6.79 -1.38 -12.68
CA LEU A 27 5.83 -0.56 -12.03
C LEU A 27 4.65 -0.24 -12.90
N ARG A 28 4.75 -0.42 -14.19
CA ARG A 28 3.68 -0.18 -15.15
C ARG A 28 2.98 -1.42 -15.69
N LYS A 29 3.36 -2.61 -15.27
CA LYS A 29 2.72 -3.80 -15.77
C LYS A 29 1.43 -4.03 -15.03
N VAL A 30 0.60 -4.96 -15.55
CA VAL A 30 -0.49 -5.51 -14.74
C VAL A 30 0.06 -6.79 -14.13
N ALA A 31 0.15 -6.79 -12.81
CA ALA A 31 0.72 -7.96 -12.06
C ALA A 31 -0.19 -9.20 -12.26
N GLU A 32 0.45 -10.33 -12.23
CA GLU A 32 -0.19 -11.66 -12.38
C GLU A 32 -0.92 -12.12 -11.10
N GLU A 33 -2.11 -12.64 -11.22
CA GLU A 33 -2.72 -13.31 -10.14
C GLU A 33 -1.96 -14.42 -9.55
N VAL A 34 -2.04 -14.59 -8.25
CA VAL A 34 -1.41 -15.73 -7.56
C VAL A 34 -2.40 -16.88 -7.53
N THR A 35 -1.87 -18.11 -7.59
CA THR A 35 -2.72 -19.25 -7.49
C THR A 35 -2.57 -19.93 -6.13
N PHE A 36 -3.68 -20.54 -5.68
CA PHE A 36 -3.69 -21.24 -4.46
C PHE A 36 -3.69 -22.79 -4.69
N PRO A 37 -3.03 -23.54 -3.84
CA PRO A 37 -2.34 -23.06 -2.65
C PRO A 37 -1.05 -22.30 -2.95
N LEU A 38 -0.72 -21.37 -2.12
CA LEU A 38 0.44 -20.48 -2.37
C LEU A 38 1.74 -21.28 -2.39
N SER A 39 2.65 -20.90 -3.23
CA SER A 39 4.03 -21.40 -3.06
C SER A 39 4.65 -20.85 -1.79
N GLU A 40 5.67 -21.58 -1.32
CA GLU A 40 6.43 -21.11 -0.15
C GLU A 40 6.98 -19.68 -0.35
N LYS A 41 7.49 -19.40 -1.54
CA LYS A 41 8.06 -18.13 -1.85
C LYS A 41 7.00 -17.02 -1.70
N GLU A 42 5.80 -17.30 -2.21
CA GLU A 42 4.77 -16.27 -2.13
C GLU A 42 4.26 -16.01 -0.70
N GLU A 43 4.25 -17.01 0.12
CA GLU A 43 3.87 -16.86 1.52
C GLU A 43 4.95 -16.02 2.24
N ILE A 44 6.17 -16.42 2.05
CA ILE A 44 7.29 -15.77 2.68
C ILE A 44 7.39 -14.32 2.23
N LEU A 45 7.19 -14.06 0.94
CA LEU A 45 7.29 -12.72 0.44
C LEU A 45 6.28 -11.84 1.17
N GLY A 46 5.03 -12.29 1.26
CA GLY A 46 4.06 -11.52 2.07
C GLY A 46 4.49 -11.22 3.48
N GLU A 47 5.02 -12.21 4.15
CA GLU A 47 5.50 -12.01 5.54
C GLU A 47 6.64 -10.96 5.56
N LYS A 48 7.50 -11.03 4.60
CA LYS A 48 8.65 -10.06 4.58
C LYS A 48 8.13 -8.63 4.32
N MET A 49 7.08 -8.53 3.52
CA MET A 49 6.49 -7.24 3.15
C MET A 49 5.84 -6.64 4.37
N MET A 50 5.07 -7.41 5.13
CA MET A 50 4.53 -6.92 6.41
C MET A 50 5.64 -6.57 7.37
N GLN A 51 6.67 -7.37 7.41
CA GLN A 51 7.78 -7.07 8.31
C GLN A 51 8.46 -5.71 7.97
N PHE A 52 8.58 -5.43 6.68
CA PHE A 52 9.10 -4.20 6.14
C PHE A 52 8.23 -3.02 6.73
N LEU A 53 6.93 -3.15 6.68
CA LEU A 53 6.04 -2.06 7.14
C LEU A 53 6.19 -1.88 8.59
N LYS A 54 6.30 -2.97 9.37
CA LYS A 54 6.43 -2.86 10.79
C LYS A 54 7.79 -2.17 11.16
N HIS A 55 8.80 -2.55 10.43
CA HIS A 55 10.11 -1.94 10.59
C HIS A 55 10.15 -0.46 10.24
N SER A 56 9.39 -0.12 9.18
CA SER A 56 9.38 1.26 8.74
C SER A 56 8.71 2.14 9.72
N GLN A 57 7.82 1.54 10.54
CA GLN A 57 7.07 2.31 11.51
C GLN A 57 7.76 2.32 12.82
N ASP A 58 8.78 1.53 13.05
CA ASP A 58 9.46 1.45 14.35
C ASP A 58 10.68 2.41 14.34
N PRO A 59 10.70 3.43 15.21
CA PRO A 59 11.81 4.42 15.15
C PRO A 59 13.20 3.79 15.13
N ILE A 60 13.40 2.77 15.94
CA ILE A 60 14.65 2.01 15.98
C ILE A 60 15.01 1.24 14.72
N MET A 61 14.18 0.32 14.32
CA MET A 61 14.50 -0.42 13.15
C MET A 61 14.53 0.48 11.88
N ALA A 62 13.73 1.54 11.82
CA ALA A 62 13.70 2.35 10.68
C ALA A 62 15.03 3.00 10.52
N GLU A 63 15.55 3.47 11.66
CA GLU A 63 16.89 4.06 11.71
C GLU A 63 18.03 3.06 11.49
N LYS A 64 17.99 1.89 12.10
CA LYS A 64 18.93 0.81 11.75
C LYS A 64 19.00 0.50 10.25
N LEU A 65 17.85 0.41 9.55
CA LEU A 65 17.85 -0.04 8.22
C LEU A 65 17.74 1.06 7.20
N GLY A 66 17.50 2.30 7.61
CA GLY A 66 17.45 3.41 6.62
C GLY A 66 16.13 3.59 5.94
N LEU A 67 15.06 3.30 6.70
CA LEU A 67 13.72 3.14 6.01
C LEU A 67 12.92 4.41 6.02
N ARG A 68 12.28 4.70 4.89
CA ARG A 68 11.16 5.63 4.78
C ARG A 68 9.91 4.93 5.33
N GLY A 69 9.16 5.62 6.16
CA GLY A 69 7.93 5.08 6.65
C GLY A 69 6.89 4.80 5.63
N GLY A 70 6.21 3.68 5.85
CA GLY A 70 5.13 3.29 4.96
C GLY A 70 3.98 2.72 5.73
N VAL A 71 2.84 2.75 5.08
CA VAL A 71 1.61 2.04 5.57
C VAL A 71 1.10 1.07 4.59
N GLY A 72 1.78 0.88 3.45
CA GLY A 72 1.37 -0.12 2.48
C GLY A 72 2.51 -0.38 1.52
N LEU A 73 2.57 -1.56 0.97
CA LEU A 73 3.64 -1.97 0.00
C LEU A 73 3.05 -2.96 -0.94
N ALA A 74 3.45 -2.89 -2.20
CA ALA A 74 2.93 -3.75 -3.18
C ALA A 74 4.09 -4.56 -3.82
N ALA A 75 3.89 -5.84 -4.15
CA ALA A 75 4.98 -6.63 -4.68
C ALA A 75 5.68 -6.06 -5.89
N PRO A 76 4.94 -5.40 -6.85
CA PRO A 76 5.65 -4.78 -7.94
C PRO A 76 6.75 -3.80 -7.57
N GLN A 77 6.62 -3.17 -6.42
CA GLN A 77 7.68 -2.28 -5.93
C GLN A 77 8.96 -2.97 -5.48
N LEU A 78 8.89 -4.31 -5.30
CA LEU A 78 10.04 -5.18 -5.05
C LEU A 78 10.53 -5.92 -6.35
N ASP A 79 10.08 -5.47 -7.51
CA ASP A 79 10.31 -6.11 -8.80
C ASP A 79 9.64 -7.46 -9.03
N ILE A 80 8.53 -7.69 -8.35
CA ILE A 80 7.86 -8.97 -8.35
C ILE A 80 6.45 -8.73 -8.88
N SER A 81 6.21 -9.19 -10.07
CA SER A 81 4.92 -8.83 -10.77
C SER A 81 3.79 -9.74 -10.42
N LYS A 82 3.43 -9.73 -9.13
CA LYS A 82 2.38 -10.57 -8.54
C LYS A 82 1.40 -9.70 -7.77
N ARG A 83 0.17 -10.16 -7.73
CA ARG A 83 -0.92 -9.37 -7.10
C ARG A 83 -0.91 -9.67 -5.55
N ILE A 84 0.10 -9.08 -4.87
CA ILE A 84 0.34 -9.29 -3.41
C ILE A 84 0.55 -7.84 -2.87
N ILE A 85 -0.22 -7.49 -1.85
CA ILE A 85 -0.05 -6.21 -1.15
C ILE A 85 -0.05 -6.46 0.35
N ALA A 86 0.64 -5.57 1.08
CA ALA A 86 0.55 -5.55 2.49
C ALA A 86 0.12 -4.14 2.92
N VAL A 87 -0.75 -4.06 3.93
CA VAL A 87 -1.20 -2.81 4.46
C VAL A 87 -1.13 -2.85 5.99
N LEU A 88 -0.71 -1.72 6.58
CA LEU A 88 -0.51 -1.64 7.97
C LEU A 88 -0.74 -0.26 8.42
N VAL A 89 -1.96 0.03 8.89
CA VAL A 89 -2.32 1.42 9.21
C VAL A 89 -2.48 1.58 10.73
N PRO A 90 -1.57 2.22 11.43
CA PRO A 90 -1.66 2.31 12.89
C PRO A 90 -2.76 3.34 13.35
N ASN A 91 -3.34 3.05 14.53
CA ASN A 91 -4.13 4.07 15.24
C ASN A 91 -3.21 4.92 16.07
N VAL A 92 -3.68 6.05 16.56
CA VAL A 92 -2.78 6.95 17.22
C VAL A 92 -3.13 7.00 18.70
N GLU A 93 -2.13 7.36 19.53
CA GLU A 93 -2.31 7.66 20.95
C GLU A 93 -3.25 8.85 21.14
N ASP A 94 -3.84 8.90 22.30
CA ASP A 94 -4.67 10.06 22.67
C ASP A 94 -3.77 11.22 23.18
N ALA A 95 -4.37 12.36 23.61
CA ALA A 95 -3.55 13.47 24.09
C ALA A 95 -2.87 13.18 25.39
N GLN A 96 -3.35 12.20 26.17
CA GLN A 96 -2.73 11.81 27.36
C GLN A 96 -1.56 10.80 27.19
N GLY A 97 -1.30 10.41 26.03
CA GLY A 97 -0.25 9.42 25.74
C GLY A 97 -0.67 7.98 25.93
N ASN A 98 -2.00 7.75 26.15
CA ASN A 98 -2.48 6.38 26.09
C ASN A 98 -2.53 5.73 24.82
N PRO A 99 -2.01 4.52 24.72
CA PRO A 99 -2.18 3.79 23.47
C PRO A 99 -3.61 3.55 23.02
N PRO A 100 -3.88 3.46 21.76
CA PRO A 100 -5.20 3.14 21.22
C PRO A 100 -5.69 1.75 21.64
N LYS A 101 -7.05 1.56 21.70
CA LYS A 101 -7.61 0.21 22.00
C LYS A 101 -7.11 -0.87 21.05
N GLU A 102 -6.94 -0.51 19.79
CA GLU A 102 -6.42 -1.41 18.75
C GLU A 102 -5.14 -0.70 18.18
N ALA A 103 -4.09 -1.44 18.12
CA ALA A 103 -2.79 -0.97 17.59
C ALA A 103 -3.01 -0.45 16.15
N TYR A 104 -3.73 -1.26 15.32
CA TYR A 104 -3.92 -0.93 13.97
C TYR A 104 -5.39 -0.87 13.54
N SER A 105 -5.76 -0.01 12.62
CA SER A 105 -7.15 0.03 12.00
C SER A 105 -7.18 -0.95 10.89
N LEU A 106 -6.07 -1.28 10.29
CA LEU A 106 -6.02 -2.29 9.23
C LEU A 106 -4.66 -2.96 9.15
N GLN A 107 -4.62 -4.27 9.18
CA GLN A 107 -3.37 -4.97 9.12
C GLN A 107 -3.56 -6.27 8.35
N GLU A 108 -3.11 -6.35 7.11
CA GLU A 108 -3.42 -7.50 6.28
C GLU A 108 -2.37 -7.65 5.20
N VAL A 109 -2.10 -8.92 4.88
CA VAL A 109 -1.40 -9.26 3.63
C VAL A 109 -2.44 -9.82 2.64
N MET A 110 -2.70 -9.10 1.58
CA MET A 110 -3.81 -9.42 0.68
C MET A 110 -3.30 -10.02 -0.64
N TYR A 111 -3.87 -11.15 -1.10
CA TYR A 111 -3.58 -11.77 -2.36
C TYR A 111 -4.79 -11.53 -3.30
N ASN A 112 -4.49 -11.21 -4.52
CA ASN A 112 -5.51 -10.96 -5.54
C ASN A 112 -6.59 -9.95 -5.10
N PRO A 113 -6.19 -8.87 -4.50
CA PRO A 113 -7.21 -7.88 -4.04
C PRO A 113 -7.80 -7.18 -5.24
N LYS A 114 -9.01 -6.80 -5.11
CA LYS A 114 -9.70 -5.94 -6.15
C LYS A 114 -10.83 -5.09 -5.52
N VAL A 115 -11.10 -3.98 -6.14
CA VAL A 115 -12.32 -3.19 -5.80
C VAL A 115 -13.49 -3.77 -6.56
N VAL A 116 -14.53 -4.18 -5.86
CA VAL A 116 -15.76 -4.74 -6.45
C VAL A 116 -16.88 -3.73 -6.54
N SER A 117 -16.89 -2.72 -5.67
CA SER A 117 -17.87 -1.62 -5.76
C SER A 117 -17.34 -0.43 -5.01
N HIS A 118 -17.95 0.72 -5.21
CA HIS A 118 -17.38 1.91 -4.53
C HIS A 118 -18.47 3.02 -4.59
N SER A 119 -18.28 3.99 -3.71
CA SER A 119 -19.09 5.20 -3.67
C SER A 119 -18.98 6.08 -4.95
N VAL A 120 -20.06 6.80 -5.22
CA VAL A 120 -20.02 7.80 -6.28
C VAL A 120 -19.05 8.85 -5.75
N GLN A 121 -19.20 9.17 -4.47
CA GLN A 121 -18.29 10.13 -3.90
C GLN A 121 -16.81 9.85 -4.01
N ASP A 122 -16.01 10.88 -4.30
CA ASP A 122 -14.61 10.81 -4.36
C ASP A 122 -14.01 11.34 -3.05
N ALA A 123 -12.80 10.98 -2.76
CA ALA A 123 -12.02 11.56 -1.63
C ALA A 123 -10.53 11.73 -2.03
N ALA A 124 -9.83 12.57 -1.25
CA ALA A 124 -8.38 12.69 -1.42
C ALA A 124 -7.80 13.10 -0.03
N LEU A 125 -6.62 12.65 0.20
CA LEU A 125 -5.85 13.12 1.38
C LEU A 125 -5.47 14.64 1.19
N SER A 126 -5.74 15.46 2.21
CA SER A 126 -5.33 16.85 2.13
C SER A 126 -3.83 17.05 1.87
N ASP A 127 -3.02 16.16 2.45
CA ASP A 127 -1.59 16.22 2.36
C ASP A 127 -0.97 15.57 1.06
N GLY A 128 -1.86 15.11 0.15
CA GLY A 128 -1.37 14.44 -1.02
C GLY A 128 -0.91 13.02 -0.64
N GLU A 129 -0.14 12.40 -1.51
CA GLU A 129 0.35 11.04 -1.32
C GLU A 129 1.84 11.07 -1.64
N GLY A 130 2.61 10.28 -0.94
CA GLY A 130 3.97 9.95 -1.23
C GLY A 130 4.15 8.51 -1.61
N LEU A 132 7.16 5.28 -2.03
CA LEU A 132 8.51 4.81 -1.79
C LEU A 132 9.38 4.65 -3.03
N SER A 133 8.74 4.47 -4.18
CA SER A 133 9.37 4.30 -5.45
C SER A 133 9.62 5.70 -6.20
N VAL A 134 9.14 6.81 -5.61
CA VAL A 134 9.21 8.10 -6.32
C VAL A 134 10.01 9.10 -5.49
N ASP A 135 11.14 9.46 -6.01
CA ASP A 135 12.10 10.33 -5.27
C ASP A 135 12.05 11.78 -5.77
N ARG A 136 10.85 12.31 -5.81
CA ARG A 136 10.53 13.63 -6.36
C ARG A 136 9.41 14.11 -5.49
N GLU A 137 9.31 15.44 -5.34
CA GLU A 137 8.13 16.13 -4.64
C GLU A 137 7.02 16.16 -5.68
N VAL A 138 5.87 15.71 -5.30
CA VAL A 138 4.75 15.64 -6.26
C VAL A 138 3.53 16.23 -5.51
N PRO A 139 3.17 17.47 -5.85
CA PRO A 139 2.05 18.07 -5.15
C PRO A 139 0.71 17.71 -5.72
N GLY A 140 -0.30 17.77 -4.84
CA GLY A 140 -1.66 17.70 -5.25
C GLY A 140 -2.55 16.66 -4.70
N TYR A 141 -3.83 16.79 -5.06
CA TYR A 141 -4.86 15.93 -4.50
C TYR A 141 -4.93 14.69 -5.42
N VAL A 142 -4.68 13.52 -4.82
CA VAL A 142 -4.83 12.25 -5.53
C VAL A 142 -6.29 11.78 -5.36
N VAL A 143 -7.01 11.90 -6.44
CA VAL A 143 -8.54 11.81 -6.33
C VAL A 143 -8.84 10.27 -6.48
N ARG A 144 -9.49 9.77 -5.43
CA ARG A 144 -9.78 8.34 -5.28
C ARG A 144 -11.33 8.20 -5.02
N HIS A 145 -11.78 6.96 -4.92
CA HIS A 145 -13.13 6.68 -4.43
C HIS A 145 -13.17 6.95 -2.91
N ALA A 146 -14.23 7.59 -2.42
CA ALA A 146 -14.31 7.78 -0.97
C ALA A 146 -14.34 6.44 -0.22
N ARG A 147 -15.22 5.60 -0.72
CA ARG A 147 -15.54 4.34 -0.04
C ARG A 147 -15.43 3.27 -1.07
N VAL A 148 -14.90 2.09 -0.64
CA VAL A 148 -14.74 0.98 -1.51
C VAL A 148 -15.23 -0.34 -0.82
N THR A 149 -15.64 -1.30 -1.61
CA THR A 149 -15.82 -2.69 -1.14
C THR A 149 -14.78 -3.52 -1.90
N ILE A 150 -13.96 -4.19 -1.16
CA ILE A 150 -12.85 -5.01 -1.76
C ILE A 150 -13.11 -6.48 -1.50
N GLU A 151 -12.62 -7.29 -2.43
CA GLU A 151 -12.40 -8.69 -2.18
C GLU A 151 -10.95 -9.05 -2.24
N TYR A 152 -10.54 -10.03 -1.38
CA TYR A 152 -9.15 -10.49 -1.47
C TYR A 152 -9.08 -11.81 -0.81
N PHE A 153 -7.93 -12.43 -1.00
CA PHE A 153 -7.65 -13.74 -0.35
C PHE A 153 -6.48 -13.60 0.62
N ASP A 154 -6.54 -14.32 1.73
CA ASP A 154 -5.38 -14.31 2.60
C ASP A 154 -4.43 -15.46 2.23
N LYS A 155 -3.33 -15.54 2.96
CA LYS A 155 -2.31 -16.59 2.64
C LYS A 155 -2.84 -18.01 2.72
N THR A 156 -3.99 -18.27 3.38
CA THR A 156 -4.52 -19.59 3.47
C THR A 156 -5.44 -19.90 2.40
N GLY A 157 -5.78 -18.90 1.61
CA GLY A 157 -6.67 -19.11 0.50
C GLY A 157 -8.17 -18.71 0.85
N GLU A 158 -8.33 -18.29 2.09
CA GLU A 158 -9.69 -17.83 2.57
C GLU A 158 -10.07 -16.49 1.86
N LYS A 159 -11.29 -16.40 1.35
CA LYS A 159 -11.80 -15.23 0.72
C LYS A 159 -12.39 -14.25 1.75
N HIS A 160 -12.11 -12.94 1.62
CA HIS A 160 -12.67 -11.91 2.42
C HIS A 160 -13.39 -10.91 1.54
N ARG A 161 -14.41 -10.28 2.13
CA ARG A 161 -15.12 -9.18 1.47
C ARG A 161 -15.26 -8.12 2.55
N LEU A 162 -14.83 -6.90 2.25
CA LEU A 162 -14.66 -5.85 3.28
C LEU A 162 -15.07 -4.52 2.63
N LYS A 163 -15.80 -3.71 3.36
CA LYS A 163 -15.97 -2.31 3.05
C LYS A 163 -14.98 -1.41 3.83
N LEU A 164 -14.43 -0.40 3.15
CA LEU A 164 -13.47 0.55 3.76
C LEU A 164 -13.91 1.99 3.48
N LYS A 165 -13.57 2.87 4.43
CA LYS A 165 -13.76 4.26 4.21
C LYS A 165 -12.49 5.00 4.78
N GLY A 166 -12.50 6.32 4.63
CA GLY A 166 -11.49 7.15 5.24
C GLY A 166 -10.10 6.82 4.68
N TYR A 167 -9.12 6.94 5.61
CA TYR A 167 -7.74 6.78 5.25
C TYR A 167 -7.49 5.38 4.76
N ASN A 168 -8.16 4.39 5.37
CA ASN A 168 -7.92 3.04 5.01
C ASN A 168 -8.36 2.67 3.55
N SER A 169 -9.43 3.26 3.18
CA SER A 169 -9.90 3.21 1.77
C SER A 169 -8.83 3.74 0.82
N ILE A 170 -8.26 4.91 1.17
CA ILE A 170 -7.19 5.50 0.35
C ILE A 170 -6.00 4.57 0.19
N VAL A 171 -5.51 4.04 1.33
CA VAL A 171 -4.36 3.18 1.31
C VAL A 171 -4.54 1.99 0.42
N VAL A 172 -5.65 1.25 0.62
CA VAL A 172 -5.91 0.04 -0.19
C VAL A 172 -5.97 0.34 -1.66
N GLN A 173 -6.67 1.42 -2.02
CA GLN A 173 -6.70 1.83 -3.38
C GLN A 173 -5.36 2.12 -4.00
N HIS A 174 -4.48 2.79 -3.20
CA HIS A 174 -3.18 3.13 -3.65
C HIS A 174 -2.42 1.80 -3.98
N GLU A 175 -2.53 0.84 -3.10
CA GLU A 175 -1.78 -0.45 -3.29
C GLU A 175 -2.36 -1.28 -4.45
N ILE A 176 -3.69 -1.35 -4.54
CA ILE A 176 -4.26 -2.06 -5.69
C ILE A 176 -3.83 -1.39 -6.99
N ASP A 177 -3.82 -0.06 -7.05
CA ASP A 177 -3.27 0.60 -8.22
C ASP A 177 -1.90 0.08 -8.61
N HIS A 178 -0.96 -0.13 -7.63
CA HIS A 178 0.33 -0.68 -8.02
C HIS A 178 0.27 -1.99 -8.81
N ILE A 179 -0.65 -2.86 -8.41
CA ILE A 179 -0.66 -4.15 -9.07
C ILE A 179 -1.39 -4.10 -10.35
N ASP A 180 -2.00 -2.90 -10.71
CA ASP A 180 -2.54 -2.66 -12.05
C ASP A 180 -1.65 -1.75 -12.88
N GLY A 181 -0.53 -1.34 -12.32
CA GLY A 181 0.44 -0.54 -13.09
C GLY A 181 0.08 0.94 -13.08
N ILE A 182 -0.68 1.37 -12.08
CA ILE A 182 -1.15 2.80 -12.00
C ILE A 182 -0.33 3.50 -10.83
N MET A 183 0.09 4.72 -11.07
CA MET A 183 0.86 5.44 -10.10
C MET A 183 -0.04 6.55 -9.53
N PHE A 184 0.28 7.09 -8.36
CA PHE A 184 -0.61 8.01 -7.69
C PHE A 184 -0.82 9.19 -8.51
N TYR A 185 0.28 9.69 -9.13
CA TYR A 185 0.14 10.89 -9.86
C TYR A 185 -0.69 10.88 -11.15
N ASP A 186 -0.95 9.70 -11.61
CA ASP A 186 -1.96 9.51 -12.64
C ASP A 186 -3.33 10.05 -12.27
N ARG A 187 -3.61 10.17 -10.95
CA ARG A 187 -4.88 10.59 -10.46
C ARG A 187 -4.87 12.02 -9.89
N ILE A 188 -3.80 12.77 -10.22
CA ILE A 188 -3.68 14.22 -9.89
C ILE A 188 -4.11 15.01 -11.15
N ASN A 189 -4.92 16.07 -11.01
CA ASN A 189 -5.40 16.89 -12.08
C ASN A 189 -4.18 17.45 -12.78
N GLU A 190 -4.22 17.36 -14.06
CA GLU A 190 -3.02 17.74 -14.93
C GLU A 190 -2.75 19.18 -14.98
N LYS A 191 -3.74 19.99 -14.87
CA LYS A 191 -3.65 21.43 -15.09
C LYS A 191 -3.61 22.18 -13.76
N ASN A 192 -4.34 21.75 -12.72
CA ASN A 192 -4.27 22.36 -11.39
C ASN A 192 -4.26 21.24 -10.37
N PRO A 193 -3.12 20.94 -9.81
CA PRO A 193 -3.02 19.79 -8.90
C PRO A 193 -3.97 19.88 -7.70
N PHE A 194 -4.33 21.10 -7.31
CA PHE A 194 -5.24 21.34 -6.15
C PHE A 194 -6.67 21.68 -6.55
N ALA A 195 -7.08 21.38 -7.79
CA ALA A 195 -8.48 21.60 -8.21
C ALA A 195 -9.41 20.75 -7.31
N VAL A 196 -10.55 21.31 -6.98
CA VAL A 196 -11.47 20.52 -6.20
C VAL A 196 -12.83 20.50 -7.01
N LYS A 197 -13.29 19.33 -7.43
CA LYS A 197 -14.62 19.22 -8.01
C LYS A 197 -15.59 19.16 -6.79
N GLU A 198 -16.66 19.87 -6.88
CA GLU A 198 -17.60 19.92 -5.78
C GLU A 198 -17.94 18.52 -5.28
N GLY A 199 -17.95 18.36 -3.99
CA GLY A 199 -18.35 17.15 -3.34
C GLY A 199 -17.20 16.24 -3.04
N LEU A 200 -16.00 16.63 -3.49
CA LEU A 200 -14.79 15.86 -3.14
C LEU A 200 -14.55 15.90 -1.62
N LEU A 201 -14.39 14.74 -1.00
CA LEU A 201 -14.15 14.65 0.42
C LEU A 201 -12.67 14.81 0.72
N ILE A 202 -12.25 15.92 1.30
CA ILE A 202 -10.86 16.10 1.58
C ILE A 202 -10.59 15.63 2.98
N LEU A 203 -9.79 14.59 3.12
CA LEU A 203 -9.45 13.95 4.38
C LEU A 203 -8.27 14.58 5.10
N GLU A 204 -8.44 15.00 6.34
CA GLU A 204 -7.31 15.66 7.01
C GLU A 204 -6.51 14.64 7.76
CA MET B 1 1.92 4.18 0.29
C MET B 1 2.88 4.70 1.44
N ALA B 2 3.50 5.86 1.23
CA ALA B 2 4.31 6.48 2.31
C ALA B 2 3.41 6.89 3.51
N SER B 3 3.92 6.76 4.74
CA SER B 3 3.20 7.32 5.91
C SER B 3 3.38 8.82 6.11
#